data_5G08
#
_entry.id   5G08
#
_cell.length_a   54.217
_cell.length_b   54.917
_cell.length_c   60.210
_cell.angle_alpha   90.00
_cell.angle_beta   90.00
_cell.angle_gamma   90.00
#
_symmetry.space_group_name_H-M   'P 21 21 21'
#
loop_
_entity.id
_entity.type
_entity.pdbx_description
1 polymer 'FREQUENIN 2'
2 non-polymer 'CALCIUM ION'
3 non-polymer 3-(2-chloro-10H-phenothiazin-10-yl)-N,N-dimethylpropan-1-amine
4 non-polymer GLYCEROL
5 non-polymer 1,2-ETHANEDIOL
6 water water
#
_entity_poly.entity_id   1
_entity_poly.type   'polypeptide(L)'
_entity_poly.pdbx_seq_one_letter_code
;MGKKNSKLKQDTIDRLTTDTYFTEKEIRQWHKGFLKDCPNGLLTEQGFIKIYKQFFPDGDPSKFASLVFRVFDENNDGAI
EFEEFIRALSITSRGNLDEKLHWAFRLYDVDNDGYITREEMYNIVDAIYQMVGQQPQTEDENTPQKRVDKIFDQMDKNHD
DRLTLEEFREGSKADPRMVQALSLGGD
;
_entity_poly.pdbx_strand_id   A
#
# COMPACT_ATOMS: atom_id res chain seq x y z
N LYS A 4 18.93 5.47 19.55
CA LYS A 4 19.54 5.65 18.25
C LYS A 4 18.87 4.72 17.24
N ASN A 5 17.89 5.25 16.49
CA ASN A 5 17.11 4.48 15.54
C ASN A 5 17.97 3.70 14.56
N SER A 6 19.25 4.05 14.45
CA SER A 6 20.12 3.41 13.48
C SER A 6 20.44 1.96 13.85
N LYS A 7 20.46 1.64 15.13
CA LYS A 7 20.94 0.33 15.57
C LYS A 7 19.80 -0.66 15.59
N LEU A 8 20.02 -1.84 15.00
CA LEU A 8 19.01 -2.90 14.96
C LEU A 8 19.09 -3.69 16.26
N LYS A 9 18.04 -3.64 17.05
CA LYS A 9 18.08 -4.34 18.33
C LYS A 9 17.61 -5.76 18.17
N GLN A 10 18.11 -6.63 19.04
CA GLN A 10 17.73 -8.03 19.00
C GLN A 10 16.23 -8.20 19.26
N ASP A 11 15.67 -7.37 20.14
CA ASP A 11 14.25 -7.47 20.43
C ASP A 11 13.44 -7.21 19.16
N THR A 12 13.88 -6.27 18.32
CA THR A 12 13.22 -6.03 17.04
C THR A 12 13.30 -7.25 16.14
N ILE A 13 14.48 -7.86 16.04
CA ILE A 13 14.67 -9.05 15.24
C ILE A 13 13.77 -10.17 15.72
N ASP A 14 13.65 -10.33 17.05
CA ASP A 14 12.79 -11.39 17.58
C ASP A 14 11.34 -11.23 17.13
N ARG A 15 10.78 -10.02 17.24
CA ARG A 15 9.40 -9.81 16.77
C ARG A 15 9.30 -10.01 15.27
N LEU A 16 10.33 -9.62 14.53
CA LEU A 16 10.24 -9.74 13.09
C LEU A 16 10.31 -11.19 12.63
N THR A 17 11.12 -12.04 13.28
CA THR A 17 11.13 -13.43 12.83
C THR A 17 9.84 -14.12 13.23
N THR A 18 9.15 -13.60 14.24
CA THR A 18 7.84 -14.14 14.59
C THR A 18 6.79 -13.70 13.58
N ASP A 19 6.84 -12.43 13.17
CA ASP A 19 5.74 -11.84 12.43
C ASP A 19 5.91 -11.91 10.93
N THR A 20 7.11 -12.16 10.44
CA THR A 20 7.38 -12.10 9.00
C THR A 20 7.96 -13.41 8.53
N TYR A 21 8.07 -13.50 7.20
CA TYR A 21 8.67 -14.64 6.55
C TYR A 21 10.17 -14.47 6.31
N PHE A 22 10.85 -13.59 7.04
CA PHE A 22 12.28 -13.37 6.88
C PHE A 22 13.08 -14.01 8.00
N THR A 23 14.24 -14.56 7.66
CA THR A 23 15.09 -15.09 8.74
C THR A 23 15.87 -13.97 9.40
N GLU A 24 16.51 -14.31 10.52
CA GLU A 24 17.33 -13.33 11.19
C GLU A 24 18.44 -12.82 10.28
N LYS A 25 19.09 -13.71 9.51
CA LYS A 25 20.14 -13.26 8.61
C LYS A 25 19.58 -12.35 7.53
N GLU A 26 18.40 -12.67 6.99
CA GLU A 26 17.82 -11.82 5.95
C GLU A 26 17.48 -10.45 6.50
N ILE A 27 17.01 -10.40 7.73
CA ILE A 27 16.63 -9.12 8.34
C ILE A 27 17.85 -8.24 8.56
N ARG A 28 18.95 -8.82 9.06
CA ARG A 28 20.16 -8.02 9.19
C ARG A 28 20.67 -7.52 7.84
N GLN A 29 20.53 -8.32 6.78
CA GLN A 29 20.97 -7.84 5.47
C GLN A 29 20.07 -6.70 4.97
N TRP A 30 18.75 -6.86 5.13
CA TRP A 30 17.83 -5.80 4.75
C TRP A 30 18.10 -4.51 5.50
N HIS A 31 18.55 -4.62 6.76
CA HIS A 31 18.78 -3.42 7.56
C HIS A 31 19.90 -2.58 6.98
N LYS A 32 20.89 -3.25 6.36
CA LYS A 32 21.96 -2.52 5.68
C LYS A 32 21.42 -1.72 4.49
N GLY A 33 20.61 -2.36 3.64
CA GLY A 33 20.04 -1.62 2.52
C GLY A 33 19.11 -0.51 2.98
N PHE A 34 18.34 -0.76 4.03
CA PHE A 34 17.43 0.26 4.56
C PHE A 34 18.20 1.50 4.97
N LEU A 35 19.38 1.32 5.59
CA LEU A 35 20.24 2.41 6.01
C LEU A 35 20.87 3.15 4.84
N LYS A 36 21.02 2.51 3.69
CA LYS A 36 21.49 3.21 2.49
C LYS A 36 20.49 4.26 2.04
N ASP A 37 19.20 3.92 2.00
CA ASP A 37 18.16 4.87 1.64
C ASP A 37 17.75 5.76 2.80
N CYS A 38 18.11 5.38 4.02
CA CYS A 38 17.62 6.07 5.22
C CYS A 38 18.69 5.93 6.29
N PRO A 39 19.75 6.73 6.21
CA PRO A 39 20.92 6.50 7.08
C PRO A 39 20.63 6.54 8.58
N ASN A 40 19.63 7.30 9.02
CA ASN A 40 19.34 7.47 10.43
C ASN A 40 18.14 6.65 10.89
N GLY A 41 17.59 5.82 10.00
CA GLY A 41 16.65 4.78 10.42
C GLY A 41 15.18 5.13 10.43
N LEU A 42 14.79 6.38 10.13
CA LEU A 42 13.37 6.75 10.09
C LEU A 42 13.04 7.44 8.78
N LEU A 43 12.05 6.91 8.07
CA LEU A 43 11.65 7.47 6.79
C LEU A 43 10.39 8.31 7.00
N THR A 44 10.48 9.61 6.77
CA THR A 44 9.31 10.46 6.91
C THR A 44 8.49 10.40 5.63
N GLU A 45 7.31 11.00 5.67
CA GLU A 45 6.45 11.01 4.49
C GLU A 45 7.11 11.75 3.34
N GLN A 46 7.76 12.87 3.64
CA GLN A 46 8.44 13.61 2.60
C GLN A 46 9.57 12.80 2.00
N GLY A 47 10.29 12.08 2.86
CA GLY A 47 11.36 11.25 2.39
C GLY A 47 10.81 10.16 1.49
N PHE A 48 9.68 9.59 1.88
CA PHE A 48 9.04 8.55 1.08
C PHE A 48 8.53 9.12 -0.24
N ILE A 49 7.92 10.30 -0.22
CA ILE A 49 7.52 10.93 -1.49
C ILE A 49 8.72 11.16 -2.38
N LYS A 50 9.84 11.55 -1.80
CA LYS A 50 11.04 11.85 -2.57
C LYS A 50 11.53 10.65 -3.36
N ILE A 51 11.52 9.49 -2.73
CA ILE A 51 11.94 8.26 -3.42
C ILE A 51 10.97 7.93 -4.54
N TYR A 52 9.66 8.12 -4.32
CA TYR A 52 8.69 7.85 -5.38
C TYR A 52 8.86 8.83 -6.54
N LYS A 53 9.09 10.11 -6.23
CA LYS A 53 9.34 11.08 -7.28
C LYS A 53 10.53 10.67 -8.15
N GLN A 54 11.61 10.15 -7.53
CA GLN A 54 12.77 9.75 -8.34
C GLN A 54 12.38 8.68 -9.32
N PHE A 55 11.51 7.75 -8.89
CA PHE A 55 11.20 6.58 -9.69
C PHE A 55 10.17 6.85 -10.77
N PHE A 56 9.36 7.90 -10.61
CA PHE A 56 8.33 8.27 -11.61
C PHE A 56 8.58 9.68 -12.08
N PRO A 57 9.64 9.91 -12.81
CA PRO A 57 10.02 11.31 -13.15
C PRO A 57 9.07 11.99 -14.07
N ASP A 58 8.24 11.28 -14.81
CA ASP A 58 7.31 11.93 -15.73
C ASP A 58 5.94 12.11 -15.13
N GLY A 59 5.74 11.69 -13.88
CA GLY A 59 4.49 11.95 -13.19
C GLY A 59 4.64 12.70 -11.89
N ASP A 60 3.60 12.68 -11.05
CA ASP A 60 3.64 13.24 -9.70
C ASP A 60 3.06 12.16 -8.82
N PRO A 61 3.90 11.32 -8.23
CA PRO A 61 3.40 10.24 -7.39
C PRO A 61 3.10 10.66 -5.95
N SER A 62 3.03 11.97 -5.66
CA SER A 62 2.90 12.41 -4.26
C SER A 62 1.64 11.88 -3.61
N LYS A 63 0.52 11.97 -4.32
CA LYS A 63 -0.73 11.51 -3.72
C LYS A 63 -0.68 10.01 -3.44
N PHE A 64 -0.18 9.22 -4.38
CA PHE A 64 -0.15 7.78 -4.17
C PHE A 64 0.84 7.41 -3.09
N ALA A 65 2.02 8.03 -3.14
CA ALA A 65 3.04 7.77 -2.12
C ALA A 65 2.50 8.06 -0.73
N SER A 66 1.73 9.13 -0.59
CA SER A 66 1.15 9.45 0.71
CA SER A 66 1.14 9.45 0.70
C SER A 66 0.16 8.40 1.16
N LEU A 67 -0.62 7.84 0.24
CA LEU A 67 -1.54 6.77 0.62
C LEU A 67 -0.80 5.51 1.06
N VAL A 68 0.25 5.12 0.33
CA VAL A 68 1.04 3.97 0.71
C VAL A 68 1.71 4.22 2.07
N PHE A 69 2.25 5.43 2.24
CA PHE A 69 2.98 5.76 3.46
C PHE A 69 2.12 5.49 4.69
N ARG A 70 0.84 5.88 4.65
CA ARG A 70 0.01 5.69 5.82
C ARG A 70 -0.23 4.20 6.14
N VAL A 71 -0.25 3.32 5.14
CA VAL A 71 -0.39 1.90 5.42
C VAL A 71 0.92 1.34 6.01
N PHE A 72 2.07 1.80 5.50
CA PHE A 72 3.34 1.37 6.09
C PHE A 72 3.45 1.82 7.54
N ASP A 73 2.99 3.03 7.83
CA ASP A 73 3.18 3.68 9.14
C ASP A 73 2.09 3.15 10.07
N GLU A 74 2.30 1.91 10.53
CA GLU A 74 1.22 1.23 11.23
C GLU A 74 0.87 1.90 12.55
N ASN A 75 1.85 2.48 13.24
CA ASN A 75 1.54 3.11 14.52
C ASN A 75 1.21 4.59 14.39
N ASN A 76 1.12 5.10 13.16
CA ASN A 76 0.64 6.47 12.89
C ASN A 76 1.46 7.52 13.63
N ASP A 77 2.77 7.32 13.72
CA ASP A 77 3.60 8.29 14.40
C ASP A 77 4.33 9.18 13.42
N GLY A 78 4.03 9.09 12.13
CA GLY A 78 4.62 9.94 11.11
C GLY A 78 5.97 9.50 10.57
N ALA A 79 6.42 8.30 10.89
CA ALA A 79 7.66 7.82 10.31
C ALA A 79 7.54 6.33 10.10
N ILE A 80 8.27 5.85 9.11
CA ILE A 80 8.31 4.44 8.87
C ILE A 80 9.63 3.96 9.47
N GLU A 81 9.52 3.13 10.50
CA GLU A 81 10.67 2.54 11.16
C GLU A 81 11.05 1.31 10.36
N PHE A 82 12.21 0.77 10.64
CA PHE A 82 12.65 -0.41 9.94
C PHE A 82 11.68 -1.57 10.16
N GLU A 83 11.15 -1.72 11.36
CA GLU A 83 10.25 -2.86 11.63
C GLU A 83 9.01 -2.76 10.77
N GLU A 84 8.52 -1.53 10.55
CA GLU A 84 7.37 -1.31 9.66
C GLU A 84 7.70 -1.62 8.21
N PHE A 85 8.85 -1.16 7.74
CA PHE A 85 9.32 -1.49 6.40
C PHE A 85 9.36 -2.99 6.19
N ILE A 86 9.96 -3.74 7.12
CA ILE A 86 10.11 -5.18 6.92
C ILE A 86 8.74 -5.86 6.92
N ARG A 87 7.85 -5.47 7.84
CA ARG A 87 6.52 -6.07 7.89
CA ARG A 87 6.55 -6.12 7.86
C ARG A 87 5.80 -5.88 6.55
N ALA A 88 5.90 -4.66 5.99
CA ALA A 88 5.19 -4.41 4.73
C ALA A 88 5.82 -5.20 3.59
N LEU A 89 7.15 -5.25 3.55
CA LEU A 89 7.83 -6.02 2.53
C LEU A 89 7.52 -7.50 2.65
N SER A 90 7.40 -8.02 3.87
CA SER A 90 7.07 -9.42 4.02
C SER A 90 5.70 -9.72 3.44
N ILE A 91 4.71 -8.88 3.73
CA ILE A 91 3.36 -9.13 3.23
C ILE A 91 3.35 -9.07 1.72
N THR A 92 3.94 -8.01 1.15
CA THR A 92 3.79 -7.81 -0.29
C THR A 92 4.67 -8.76 -1.11
N SER A 93 5.82 -9.19 -0.59
CA SER A 93 6.72 -10.04 -1.38
C SER A 93 6.70 -11.51 -0.98
N ARG A 94 6.12 -11.87 0.16
CA ARG A 94 6.14 -13.25 0.61
C ARG A 94 4.79 -13.70 1.12
N GLY A 95 3.88 -12.79 1.40
CA GLY A 95 2.62 -13.13 2.03
C GLY A 95 1.69 -13.97 1.17
N ASN A 96 0.78 -14.68 1.84
CA ASN A 96 -0.23 -15.43 1.11
C ASN A 96 -1.28 -14.47 0.56
N LEU A 97 -2.21 -15.01 -0.24
CA LEU A 97 -3.17 -14.17 -0.95
C LEU A 97 -4.07 -13.40 0.01
N ASP A 98 -4.47 -14.04 1.11
CA ASP A 98 -5.33 -13.33 2.06
C ASP A 98 -4.57 -12.19 2.72
N GLU A 99 -3.28 -12.40 3.03
CA GLU A 99 -2.49 -11.35 3.64
C GLU A 99 -2.28 -10.18 2.68
N LYS A 100 -2.04 -10.47 1.40
CA LYS A 100 -1.86 -9.43 0.40
C LYS A 100 -3.12 -8.63 0.23
N LEU A 101 -4.26 -9.33 0.17
CA LEU A 101 -5.50 -8.61 -0.09
C LEU A 101 -5.93 -7.80 1.12
N HIS A 102 -5.59 -8.25 2.33
CA HIS A 102 -5.83 -7.41 3.49
CA HIS A 102 -5.81 -7.43 3.52
C HIS A 102 -5.01 -6.14 3.43
N TRP A 103 -3.74 -6.22 3.00
CA TRP A 103 -2.92 -5.03 2.87
C TRP A 103 -3.53 -4.08 1.84
N ALA A 104 -3.90 -4.60 0.68
CA ALA A 104 -4.55 -3.78 -0.33
C ALA A 104 -5.83 -3.14 0.20
N PHE A 105 -6.61 -3.88 0.97
CA PHE A 105 -7.83 -3.31 1.55
C PHE A 105 -7.48 -2.09 2.40
N ARG A 106 -6.41 -2.19 3.21
CA ARG A 106 -6.00 -1.06 4.05
C ARG A 106 -5.61 0.15 3.22
N LEU A 107 -4.98 -0.08 2.08
CA LEU A 107 -4.62 1.01 1.16
C LEU A 107 -5.86 1.68 0.59
N TYR A 108 -6.84 0.90 0.14
CA TYR A 108 -8.03 1.51 -0.43
C TYR A 108 -8.92 2.16 0.63
N ASP A 109 -8.93 1.63 1.85
CA ASP A 109 -9.76 2.16 2.94
C ASP A 109 -9.05 3.36 3.54
N VAL A 110 -9.10 4.46 2.77
CA VAL A 110 -8.29 5.63 3.09
C VAL A 110 -8.55 6.12 4.51
N ASP A 111 -9.81 6.15 4.94
CA ASP A 111 -10.12 6.68 6.28
C ASP A 111 -10.18 5.60 7.35
N ASN A 112 -9.79 4.37 7.04
CA ASN A 112 -9.72 3.28 8.02
C ASN A 112 -11.03 3.11 8.79
N ASP A 113 -12.14 3.21 8.10
CA ASP A 113 -13.42 2.99 8.79
C ASP A 113 -13.95 1.57 8.58
N GLY A 114 -13.16 0.69 7.97
CA GLY A 114 -13.59 -0.67 7.74
C GLY A 114 -14.35 -0.91 6.45
N TYR A 115 -14.49 0.11 5.62
CA TYR A 115 -15.21 -0.05 4.37
C TYR A 115 -14.45 0.70 3.29
N ILE A 116 -14.48 0.18 2.07
CA ILE A 116 -14.05 0.93 0.90
C ILE A 116 -15.29 1.50 0.22
N THR A 117 -15.33 2.82 0.02
CA THR A 117 -16.42 3.48 -0.71
C THR A 117 -16.00 3.63 -2.16
N ARG A 118 -16.98 3.88 -3.04
CA ARG A 118 -16.65 4.21 -4.43
C ARG A 118 -15.69 5.37 -4.48
N GLU A 119 -15.91 6.39 -3.64
CA GLU A 119 -15.08 7.58 -3.69
C GLU A 119 -13.64 7.27 -3.28
N GLU A 120 -13.44 6.38 -2.30
CA GLU A 120 -12.09 5.97 -1.96
C GLU A 120 -11.45 5.23 -3.13
N MET A 121 -12.21 4.37 -3.81
CA MET A 121 -11.64 3.68 -4.95
C MET A 121 -11.32 4.63 -6.09
N TYR A 122 -12.21 5.60 -6.37
CA TYR A 122 -11.88 6.65 -7.34
C TYR A 122 -10.58 7.34 -6.98
N ASN A 123 -10.41 7.64 -5.68
CA ASN A 123 -9.24 8.40 -5.24
C ASN A 123 -7.94 7.63 -5.46
N ILE A 124 -7.92 6.34 -5.13
CA ILE A 124 -6.74 5.53 -5.40
C ILE A 124 -6.45 5.54 -6.90
N VAL A 125 -7.48 5.37 -7.73
CA VAL A 125 -7.27 5.32 -9.17
C VAL A 125 -6.71 6.65 -9.69
N ASP A 126 -7.26 7.77 -9.21
CA ASP A 126 -6.76 9.08 -9.59
C ASP A 126 -5.30 9.25 -9.18
N ALA A 127 -4.96 8.79 -7.98
CA ALA A 127 -3.57 8.87 -7.51
C ALA A 127 -2.65 8.05 -8.40
N ILE A 128 -3.12 6.89 -8.86
CA ILE A 128 -2.28 6.07 -9.72
C ILE A 128 -2.05 6.80 -11.03
N TYR A 129 -3.12 7.35 -11.60
CA TYR A 129 -2.96 8.09 -12.85
C TYR A 129 -2.01 9.27 -12.67
N GLN A 130 -2.07 9.96 -11.54
CA GLN A 130 -1.16 11.08 -11.33
C GLN A 130 0.29 10.61 -11.32
N MET A 131 0.54 9.48 -10.65
CA MET A 131 1.86 8.89 -10.57
C MET A 131 2.38 8.55 -11.97
N VAL A 132 1.54 7.98 -12.82
CA VAL A 132 1.97 7.77 -14.20
C VAL A 132 2.36 9.09 -14.85
N GLY A 133 1.59 10.12 -14.52
CA GLY A 133 1.76 11.46 -15.05
C GLY A 133 0.66 11.82 -16.02
N GLN A 134 -0.37 10.98 -16.07
CA GLN A 134 -1.49 11.20 -16.97
C GLN A 134 -2.91 11.33 -16.36
N GLN A 135 -3.59 12.42 -16.68
CA GLN A 135 -4.98 12.57 -16.28
C GLN A 135 -5.40 12.29 -17.70
N PRO A 136 -5.85 11.01 -17.92
CA PRO A 136 -6.14 10.69 -19.32
C PRO A 136 -7.51 11.00 -19.86
N GLN A 137 -7.54 11.47 -21.10
CA GLN A 137 -8.79 11.71 -21.75
C GLN A 137 -9.20 10.30 -22.11
N THR A 138 -10.49 10.03 -21.98
CA THR A 138 -11.03 8.71 -22.23
C THR A 138 -12.32 8.86 -23.01
N GLU A 139 -12.73 7.75 -23.62
CA GLU A 139 -13.98 7.71 -24.36
C GLU A 139 -15.00 7.82 -23.24
N ASP A 140 -16.23 8.16 -23.58
CA ASP A 140 -17.26 8.36 -22.57
C ASP A 140 -17.58 7.17 -21.65
N GLU A 141 -17.61 5.95 -22.17
CA GLU A 141 -17.90 4.78 -21.32
C GLU A 141 -16.71 4.20 -20.57
N ASN A 142 -15.53 4.70 -20.90
CA ASN A 142 -14.23 4.29 -20.37
C ASN A 142 -13.70 5.26 -19.35
N THR A 143 -14.54 6.13 -18.79
CA THR A 143 -14.05 7.07 -17.79
C THR A 143 -13.60 6.31 -16.54
N PRO A 144 -12.70 6.89 -15.77
CA PRO A 144 -12.20 6.16 -14.61
C PRO A 144 -13.34 5.79 -13.69
N GLN A 145 -14.29 6.70 -13.50
CA GLN A 145 -15.42 6.41 -12.65
C GLN A 145 -16.25 5.25 -13.17
N LYS A 146 -16.52 5.21 -14.47
CA LYS A 146 -17.32 4.13 -15.04
C LYS A 146 -16.66 2.77 -14.92
N ARG A 147 -15.38 2.70 -15.19
CA ARG A 147 -14.64 1.45 -15.06
C ARG A 147 -14.71 0.95 -13.62
N VAL A 148 -14.37 1.83 -12.67
CA VAL A 148 -14.36 1.44 -11.27
C VAL A 148 -15.76 1.00 -10.84
N ASP A 149 -16.79 1.75 -11.27
CA ASP A 149 -18.14 1.48 -10.81
C ASP A 149 -18.57 0.05 -11.16
N LYS A 150 -18.21 -0.43 -12.35
CA LYS A 150 -18.64 -1.79 -12.72
C LYS A 150 -17.93 -2.84 -11.88
N ILE A 151 -16.65 -2.65 -11.61
CA ILE A 151 -15.96 -3.62 -10.76
C ILE A 151 -16.47 -3.51 -9.33
N PHE A 152 -16.65 -2.28 -8.86
CA PHE A 152 -17.15 -2.08 -7.49
C PHE A 152 -18.51 -2.74 -7.33
N ASP A 153 -19.39 -2.56 -8.31
CA ASP A 153 -20.72 -3.13 -8.19
C ASP A 153 -20.68 -4.65 -8.10
N GLN A 154 -19.77 -5.28 -8.83
CA GLN A 154 -19.73 -6.72 -8.77
C GLN A 154 -19.24 -7.21 -7.42
N MET A 155 -18.33 -6.46 -6.77
CA MET A 155 -17.84 -6.91 -5.47
C MET A 155 -18.83 -6.60 -4.35
N ASP A 156 -19.70 -5.61 -4.57
CA ASP A 156 -20.58 -5.10 -3.52
C ASP A 156 -21.82 -5.99 -3.46
N LYS A 157 -21.70 -7.12 -2.77
CA LYS A 157 -22.71 -8.18 -2.91
C LYS A 157 -24.02 -7.82 -2.24
N ASN A 158 -24.03 -6.92 -1.27
CA ASN A 158 -25.31 -6.47 -0.71
C ASN A 158 -25.69 -5.09 -1.19
N HIS A 159 -24.98 -4.57 -2.19
CA HIS A 159 -25.36 -3.36 -2.90
C HIS A 159 -25.63 -2.19 -1.96
N ASP A 160 -24.82 -2.06 -0.91
CA ASP A 160 -24.97 -0.94 0.01
C ASP A 160 -23.92 0.15 -0.25
N ASP A 161 -23.25 0.11 -1.41
CA ASP A 161 -22.32 1.16 -1.85
C ASP A 161 -21.05 1.21 -1.01
N ARG A 162 -20.75 0.14 -0.30
CA ARG A 162 -19.46 0.08 0.38
C ARG A 162 -18.97 -1.37 0.40
N LEU A 163 -17.65 -1.55 0.44
CA LEU A 163 -17.04 -2.88 0.45
C LEU A 163 -16.44 -3.19 1.81
N THR A 164 -16.90 -4.27 2.42
CA THR A 164 -16.19 -4.83 3.57
C THR A 164 -14.91 -5.52 3.12
N LEU A 165 -14.05 -5.83 4.12
CA LEU A 165 -12.89 -6.64 3.81
C LEU A 165 -13.27 -7.94 3.10
N GLU A 166 -14.33 -8.61 3.56
CA GLU A 166 -14.70 -9.88 2.94
C GLU A 166 -15.21 -9.67 1.51
N GLU A 167 -16.01 -8.62 1.27
CA GLU A 167 -16.45 -8.35 -0.10
C GLU A 167 -15.26 -8.06 -0.99
N PHE A 168 -14.32 -7.25 -0.52
CA PHE A 168 -13.18 -6.88 -1.33
C PHE A 168 -12.28 -8.08 -1.57
N ARG A 169 -12.05 -8.88 -0.55
CA ARG A 169 -11.08 -9.96 -0.70
C ARG A 169 -11.64 -11.05 -1.61
N GLU A 170 -12.88 -11.48 -1.37
CA GLU A 170 -13.47 -12.49 -2.23
C GLU A 170 -13.72 -11.94 -3.63
N GLY A 171 -14.07 -10.66 -3.74
CA GLY A 171 -14.32 -10.13 -5.06
C GLY A 171 -13.04 -10.03 -5.86
N SER A 172 -11.93 -9.73 -5.16
CA SER A 172 -10.64 -9.59 -5.81
C SER A 172 -10.07 -10.91 -6.24
N LYS A 173 -10.43 -11.99 -5.54
CA LYS A 173 -10.09 -13.31 -6.04
C LYS A 173 -10.78 -13.63 -7.35
N ALA A 174 -12.01 -13.15 -7.55
CA ALA A 174 -12.64 -13.35 -8.85
C ALA A 174 -12.18 -12.32 -9.88
N ASP A 175 -11.74 -11.13 -9.45
CA ASP A 175 -11.31 -10.07 -10.37
C ASP A 175 -10.16 -9.32 -9.74
N PRO A 176 -8.94 -9.66 -10.07
CA PRO A 176 -7.76 -9.05 -9.45
C PRO A 176 -7.35 -7.65 -9.89
N ARG A 177 -8.06 -7.04 -10.80
CA ARG A 177 -7.66 -5.76 -11.33
C ARG A 177 -7.45 -4.61 -10.35
N MET A 178 -8.29 -4.48 -9.34
CA MET A 178 -8.11 -3.43 -8.38
C MET A 178 -6.79 -3.59 -7.60
N VAL A 179 -6.41 -4.81 -7.25
CA VAL A 179 -5.14 -4.95 -6.57
C VAL A 179 -3.97 -5.02 -7.56
N GLN A 180 -4.20 -5.53 -8.78
CA GLN A 180 -3.16 -5.51 -9.81
C GLN A 180 -2.65 -4.09 -10.06
N ALA A 181 -3.56 -3.11 -10.06
CA ALA A 181 -3.20 -1.72 -10.35
C ALA A 181 -2.27 -1.13 -9.30
N LEU A 182 -2.25 -1.70 -8.09
CA LEU A 182 -1.43 -1.16 -7.01
C LEU A 182 0.07 -1.36 -7.27
N SER A 183 0.43 -2.48 -7.85
CA SER A 183 1.84 -2.80 -8.05
C SER A 183 2.43 -2.04 -9.23
#